data_2GUK
#
_entry.id   2GUK
#
_cell.length_a   50.028
_cell.length_b   50.028
_cell.length_c   186.912
_cell.angle_alpha   90.00
_cell.angle_beta   90.00
_cell.angle_gamma   90.00
#
_symmetry.space_group_name_H-M   'P 43 21 2'
#
loop_
_entity.id
_entity.type
_entity.pdbx_description
1 polymer 'hypothetical protein PG1857'
2 water water
#
_entity_poly.entity_id   1
_entity_poly.type   'polypeptide(L)'
_entity_poly.pdbx_seq_one_letter_code
;SNA(MSE)DTQTLNSDLRVF(MSE)HHIYEFEKGVRS(MSE)VLATLANDDIPYAEERLRSRQIPYFAQPTPNTERTNLF
FGCKEC(MSE)EAIRLFVSGRSLNSLTPEEDFIIGA(MSE)LGYDICRQCERYCRRKSNS
;
_entity_poly.pdbx_strand_id   A,B
#
# COMPACT_ATOMS: atom_id res chain seq x y z
N GLN A 7 13.90 22.74 18.15
CA GLN A 7 14.31 24.09 18.66
C GLN A 7 14.33 24.12 20.19
N THR A 8 13.25 24.65 20.75
CA THR A 8 12.94 24.60 22.16
C THR A 8 11.97 23.43 22.44
N LEU A 9 11.78 22.55 21.46
CA LEU A 9 10.92 21.41 21.69
C LEU A 9 11.64 20.07 21.84
N ASN A 10 10.96 19.15 22.52
CA ASN A 10 11.53 17.86 22.85
C ASN A 10 11.70 16.98 21.60
N SER A 11 12.46 15.91 21.72
CA SER A 11 12.79 15.09 20.56
C SER A 11 11.55 14.50 19.85
N ASP A 12 10.54 14.12 20.65
CA ASP A 12 9.26 13.60 20.12
C ASP A 12 8.61 14.63 19.19
N LEU A 13 8.55 15.86 19.68
CA LEU A 13 7.96 16.99 18.94
C LEU A 13 8.82 17.46 17.74
N ARG A 14 10.15 17.28 17.81
CA ARG A 14 11.01 17.63 16.69
C ARG A 14 10.72 16.64 15.57
N VAL A 15 10.49 15.39 15.96
CA VAL A 15 10.22 14.34 15.00
C VAL A 15 8.84 14.59 14.44
N PHE A 16 7.91 14.85 15.36
CA PHE A 16 6.56 15.25 15.02
C PHE A 16 6.59 16.38 13.97
N MSE A 17 7.29 17.49 14.24
CA MSE A 17 7.42 18.59 13.26
C MSE A 17 8.07 18.17 11.95
O MSE A 17 7.68 18.61 10.86
CB MSE A 17 8.19 19.79 13.81
CG MSE A 17 7.56 20.46 14.99
SE MSE A 17 5.69 21.09 14.81
CE MSE A 17 5.82 22.08 16.42
N HIS A 18 9.08 17.31 12.07
CA HIS A 18 9.79 16.76 10.96
C HIS A 18 8.84 16.00 10.02
N HIS A 19 7.98 15.18 10.65
CA HIS A 19 6.95 14.43 9.96
C HIS A 19 5.92 15.33 9.31
N ILE A 20 5.62 16.44 9.97
CA ILE A 20 4.74 17.45 9.37
C ILE A 20 5.39 17.98 8.09
N TYR A 21 6.68 18.27 8.13
CA TYR A 21 7.44 18.64 6.89
C TYR A 21 7.44 17.57 5.79
N GLU A 22 7.56 16.29 6.17
CA GLU A 22 7.56 15.18 5.22
C GLU A 22 6.22 15.13 4.51
N PHE A 23 5.16 15.17 5.31
CA PHE A 23 3.81 15.17 4.76
C PHE A 23 3.61 16.34 3.81
N GLU A 24 4.08 17.53 4.24
CA GLU A 24 3.97 18.76 3.46
C GLU A 24 4.84 18.72 2.20
N LYS A 25 5.96 18.02 2.29
CA LYS A 25 6.83 17.79 1.11
C LYS A 25 6.35 16.63 0.20
N GLY A 26 5.35 15.88 0.69
CA GLY A 26 4.68 14.77 -0.05
C GLY A 26 5.48 13.48 -0.15
N VAL A 27 6.37 13.29 0.81
CA VAL A 27 7.18 12.10 0.96
C VAL A 27 6.31 10.86 1.28
N ARG A 28 5.16 11.10 1.92
CA ARG A 28 4.30 10.03 2.43
C ARG A 28 2.87 10.52 2.61
N SER A 29 1.91 9.61 2.53
CA SER A 29 0.53 10.05 2.68
C SER A 29 0.03 10.09 4.13
N MSE A 30 0.69 9.39 5.03
CA MSE A 30 0.23 9.34 6.41
C MSE A 30 1.42 9.23 7.32
O MSE A 30 2.44 8.62 6.95
CB MSE A 30 -0.68 8.14 6.66
CG MSE A 30 -1.22 8.06 8.07
SE MSE A 30 -2.56 6.74 8.18
CE MSE A 30 -1.36 5.26 8.72
N VAL A 31 1.27 9.81 8.51
CA VAL A 31 2.23 9.68 9.59
C VAL A 31 1.54 9.15 10.88
N LEU A 32 2.24 8.28 11.61
CA LEU A 32 1.81 7.88 12.96
C LEU A 32 2.79 8.50 13.93
N ALA A 33 2.32 9.43 14.76
CA ALA A 33 3.14 9.96 15.85
C ALA A 33 2.58 9.48 17.20
N THR A 34 3.46 9.04 18.09
CA THR A 34 3.03 8.66 19.43
C THR A 34 3.60 9.65 20.42
N LEU A 35 2.71 10.30 21.18
CA LEU A 35 3.08 11.45 22.03
C LEU A 35 2.52 11.37 23.42
N ALA A 36 3.24 11.98 24.36
CA ALA A 36 2.75 12.11 25.71
C ALA A 36 1.51 12.95 25.66
N ASN A 37 0.58 12.65 26.54
CA ASN A 37 -0.71 13.34 26.54
C ASN A 37 -0.64 14.84 26.77
N ASP A 38 0.35 15.32 27.53
CA ASP A 38 0.53 16.77 27.76
C ASP A 38 0.99 17.47 26.48
N ASP A 39 1.50 16.70 25.54
CA ASP A 39 2.03 17.27 24.30
C ASP A 39 1.00 17.32 23.18
N ILE A 40 -0.14 16.66 23.33
N ILE A 40 -0.13 16.64 23.39
CA ILE A 40 -1.04 16.65 22.18
CA ILE A 40 -1.19 16.54 22.38
C ILE A 40 -1.83 17.96 21.93
C ILE A 40 -1.79 17.91 21.99
N PRO A 41 -2.14 18.76 22.99
CA PRO A 41 -2.75 20.07 22.66
C PRO A 41 -1.88 20.91 21.67
N TYR A 42 -0.58 20.97 21.94
CA TYR A 42 0.33 21.61 21.04
C TYR A 42 0.29 20.94 19.67
N ALA A 43 0.41 19.61 19.63
CA ALA A 43 0.47 18.87 18.37
C ALA A 43 -0.77 19.12 17.49
N GLU A 44 -1.94 19.11 18.11
CA GLU A 44 -3.19 19.31 17.40
C GLU A 44 -3.30 20.74 16.89
N GLU A 45 -2.83 21.70 17.70
CA GLU A 45 -2.74 23.11 17.27
C GLU A 45 -1.88 23.30 16.03
N ARG A 46 -0.73 22.63 16.01
CA ARG A 46 0.15 22.67 14.84
C ARG A 46 -0.57 22.14 13.62
N LEU A 47 -1.23 21.01 13.79
CA LEU A 47 -1.92 20.31 12.69
C LEU A 47 -3.10 21.13 12.18
N ARG A 48 -3.92 21.62 13.11
CA ARG A 48 -5.07 22.49 12.71
C ARG A 48 -4.61 23.72 11.96
N SER A 49 -3.52 24.31 12.44
CA SER A 49 -2.97 25.52 11.84
C SER A 49 -2.54 25.31 10.40
N ARG A 50 -2.00 24.13 10.13
CA ARG A 50 -1.49 23.78 8.82
C ARG A 50 -2.55 23.07 7.97
N GLN A 51 -3.75 22.89 8.51
N GLN A 51 -3.75 22.94 8.52
CA GLN A 51 -4.88 22.32 7.77
CA GLN A 51 -4.89 22.29 7.89
C GLN A 51 -4.76 20.81 7.56
C GLN A 51 -4.51 20.89 7.44
N ILE A 52 -3.94 20.16 8.39
CA ILE A 52 -3.61 18.75 8.23
C ILE A 52 -4.62 17.90 9.00
N PRO A 53 -5.38 17.05 8.28
CA PRO A 53 -6.32 16.12 8.90
C PRO A 53 -5.62 15.16 9.89
N TYR A 54 -6.26 14.84 11.00
CA TYR A 54 -5.66 13.89 11.94
C TYR A 54 -6.71 13.01 12.64
N PHE A 55 -6.24 11.94 13.27
CA PHE A 55 -7.07 11.03 14.04
C PHE A 55 -6.24 10.63 15.26
N ALA A 56 -6.74 10.96 16.45
CA ALA A 56 -6.09 10.60 17.71
C ALA A 56 -6.70 9.35 18.29
N GLN A 57 -5.85 8.47 18.81
CA GLN A 57 -6.36 7.38 19.61
C GLN A 57 -5.47 6.81 20.74
N PRO A 58 -6.08 6.10 21.74
CA PRO A 58 -5.27 5.66 22.90
C PRO A 58 -4.28 4.55 22.55
N THR A 59 -3.59 4.06 23.58
CA THR A 59 -2.36 3.31 23.45
C THR A 59 -2.29 2.30 24.60
N PRO A 60 -1.63 1.13 24.37
CA PRO A 60 -1.38 0.19 25.49
C PRO A 60 -0.73 0.86 26.70
N ASN A 61 0.00 1.96 26.49
CA ASN A 61 0.87 2.54 27.51
C ASN A 61 0.38 3.84 28.18
N THR A 62 -0.96 3.93 28.20
CA THR A 62 -1.79 4.82 29.06
C THR A 62 -1.58 6.35 29.07
N GLU A 63 -0.37 6.81 29.37
CA GLU A 63 -0.10 8.23 29.37
C GLU A 63 0.35 8.75 27.98
N ARG A 64 0.13 7.93 26.94
CA ARG A 64 0.49 8.26 25.56
C ARG A 64 -0.69 8.14 24.57
N THR A 65 -0.60 8.88 23.47
CA THR A 65 -1.67 8.95 22.49
C THR A 65 -1.08 8.73 21.11
N ASN A 66 -1.72 7.89 20.30
CA ASN A 66 -1.31 7.72 18.92
C ASN A 66 -2.01 8.79 18.13
N LEU A 67 -1.25 9.58 17.39
CA LEU A 67 -1.79 10.64 16.57
C LEU A 67 -1.43 10.35 15.13
N PHE A 68 -2.41 9.89 14.35
CA PHE A 68 -2.23 9.67 12.92
C PHE A 68 -2.58 11.00 12.27
N PHE A 69 -1.82 11.39 11.23
CA PHE A 69 -2.23 12.52 10.39
C PHE A 69 -1.82 12.28 8.95
N GLY A 70 -2.47 12.96 8.01
CA GLY A 70 -2.16 12.79 6.59
C GLY A 70 -3.36 13.17 5.75
N CYS A 71 -3.38 12.73 4.49
CA CYS A 71 -4.51 13.05 3.60
C CYS A 71 -5.80 12.59 4.24
N LYS A 72 -6.87 13.36 4.03
CA LYS A 72 -8.21 13.02 4.49
C LYS A 72 -8.66 11.62 4.05
N GLU A 73 -8.25 11.20 2.86
CA GLU A 73 -8.62 9.87 2.32
C GLU A 73 -8.16 8.75 3.26
N CYS A 74 -6.90 8.80 3.67
CA CYS A 74 -6.37 7.75 4.56
C CYS A 74 -6.85 7.90 6.02
N MSE A 75 -7.10 9.13 6.46
CA MSE A 75 -7.78 9.38 7.77
C MSE A 75 -9.10 8.64 7.84
O MSE A 75 -9.40 7.98 8.86
CB MSE A 75 -7.96 10.88 8.05
CG MSE A 75 -6.68 11.66 8.38
SE MSE A 75 -5.51 10.91 9.77
CE MSE A 75 -4.31 9.93 8.63
N GLU A 76 -9.87 8.68 6.76
N GLU A 76 -9.89 8.74 6.77
CA GLU A 76 -11.14 7.97 6.73
CA GLU A 76 -11.14 7.98 6.62
C GLU A 76 -10.97 6.44 6.62
C GLU A 76 -10.88 6.48 6.73
N ALA A 77 -9.95 6.00 5.89
CA ALA A 77 -9.60 4.57 5.84
C ALA A 77 -9.18 4.03 7.22
N ILE A 78 -8.27 4.70 7.93
CA ILE A 78 -7.83 4.18 9.25
C ILE A 78 -8.87 4.21 10.33
N ARG A 79 -9.72 5.24 10.33
N ARG A 79 -9.74 5.22 10.28
CA ARG A 79 -10.85 5.24 11.24
CA ARG A 79 -10.95 5.34 11.13
C ARG A 79 -11.58 3.90 11.09
C ARG A 79 -11.94 4.21 10.90
N LEU A 80 -11.70 3.45 9.84
CA LEU A 80 -12.52 2.28 9.50
C LEU A 80 -11.97 0.96 10.05
N PHE A 81 -10.66 0.86 10.25
CA PHE A 81 -10.13 -0.42 10.70
C PHE A 81 -9.22 -0.37 11.92
N VAL A 82 -8.82 0.83 12.32
CA VAL A 82 -8.00 0.99 13.50
C VAL A 82 -8.79 1.45 14.75
N SER A 83 -9.94 2.11 14.55
CA SER A 83 -10.71 2.65 15.68
C SER A 83 -10.97 1.55 16.71
N GLY A 84 -10.66 1.86 17.97
CA GLY A 84 -10.92 0.95 19.09
C GLY A 84 -10.02 -0.27 19.13
N ARG A 85 -9.04 -0.35 18.23
CA ARG A 85 -8.21 -1.55 18.05
C ARG A 85 -6.72 -1.25 18.21
N SER A 86 -6.02 -2.17 18.85
CA SER A 86 -4.56 -2.09 18.93
C SER A 86 -3.93 -2.35 17.57
N LEU A 87 -2.85 -1.63 17.25
CA LEU A 87 -2.11 -1.87 16.02
C LEU A 87 -1.51 -3.29 15.91
N ASN A 88 -1.39 -3.96 17.05
CA ASN A 88 -0.85 -5.33 17.08
C ASN A 88 -1.87 -6.45 16.89
N SER A 89 -3.12 -6.05 16.68
CA SER A 89 -4.23 -7.00 16.52
C SER A 89 -4.67 -7.12 15.07
N LEU A 90 -3.97 -6.45 14.15
CA LEU A 90 -4.38 -6.36 12.73
C LEU A 90 -4.06 -7.61 11.91
N THR A 91 -4.86 -7.88 10.88
CA THR A 91 -4.54 -8.99 9.98
C THR A 91 -3.26 -8.64 9.18
N PRO A 92 -2.66 -9.64 8.53
CA PRO A 92 -1.47 -9.36 7.70
C PRO A 92 -1.79 -8.38 6.57
N GLU A 93 -3.02 -8.42 6.08
CA GLU A 93 -3.46 -7.56 4.99
C GLU A 93 -3.61 -6.15 5.56
N GLU A 94 -4.32 -6.03 6.68
CA GLU A 94 -4.40 -4.74 7.40
C GLU A 94 -3.01 -4.13 7.69
N ASP A 95 -2.10 -4.99 8.11
CA ASP A 95 -0.74 -4.57 8.37
C ASP A 95 -0.01 -3.98 7.15
N PHE A 96 -0.21 -4.60 5.99
CA PHE A 96 0.37 -4.16 4.71
C PHE A 96 -0.18 -2.80 4.37
N ILE A 97 -1.49 -2.67 4.52
CA ILE A 97 -2.19 -1.43 4.17
C ILE A 97 -1.64 -0.28 4.99
N ILE A 98 -1.58 -0.48 6.31
CA ILE A 98 -1.04 0.53 7.23
C ILE A 98 0.38 0.92 6.84
N GLY A 99 1.22 -0.09 6.61
CA GLY A 99 2.61 0.20 6.17
C GLY A 99 2.64 0.95 4.86
N ALA A 100 1.84 0.51 3.89
CA ALA A 100 1.76 1.23 2.61
C ALA A 100 1.34 2.68 2.82
N MSE A 101 0.31 2.90 3.64
CA MSE A 101 -0.11 4.28 3.95
C MSE A 101 1.00 5.12 4.61
O MSE A 101 1.17 6.32 4.31
CB MSE A 101 -1.41 4.28 4.80
CG MSE A 101 -2.66 3.64 4.16
SE MSE A 101 -4.07 3.55 5.55
CE MSE A 101 -3.36 4.89 6.61
N LEU A 102 1.79 4.50 5.47
CA LEU A 102 2.92 5.20 6.09
C LEU A 102 4.11 5.45 5.16
N GLY A 103 4.07 4.98 3.92
CA GLY A 103 5.15 5.32 2.98
C GLY A 103 6.25 4.27 2.89
N TYR A 104 6.00 3.10 3.44
CA TYR A 104 6.96 2.02 3.48
C TYR A 104 7.08 1.40 2.07
N ASP A 105 8.29 0.99 1.72
CA ASP A 105 8.57 0.42 0.40
C ASP A 105 7.67 -0.80 0.19
N ILE A 106 7.03 -0.85 -0.99
CA ILE A 106 6.00 -1.92 -1.22
C ILE A 106 6.64 -3.33 -1.34
N CYS A 107 7.85 -3.41 -1.89
CA CYS A 107 8.53 -4.70 -1.97
C CYS A 107 8.93 -5.17 -0.58
N ARG A 108 9.30 -4.23 0.27
CA ARG A 108 9.56 -4.55 1.67
C ARG A 108 8.28 -5.07 2.33
N GLN A 109 7.15 -4.39 2.06
CA GLN A 109 5.85 -4.79 2.62
C GLN A 109 5.45 -6.21 2.16
N CYS A 110 5.74 -6.52 0.90
CA CYS A 110 5.45 -7.85 0.34
C CYS A 110 6.19 -8.95 1.08
N GLU A 111 7.48 -8.72 1.33
CA GLU A 111 8.30 -9.66 2.10
C GLU A 111 7.74 -9.84 3.53
N ARG A 112 7.45 -8.73 4.18
CA ARG A 112 6.90 -8.80 5.55
C ARG A 112 5.59 -9.59 5.53
N TYR A 113 4.75 -9.31 4.53
CA TYR A 113 3.48 -10.00 4.39
C TYR A 113 3.71 -11.50 4.27
N CYS A 114 4.71 -11.90 3.47
CA CYS A 114 5.02 -13.31 3.26
C CYS A 114 5.45 -14.01 4.54
N ARG A 115 6.26 -13.32 5.34
CA ARG A 115 6.71 -13.80 6.65
C ARG A 115 5.52 -14.05 7.57
N ARG A 116 4.65 -13.06 7.74
N ARG A 116 4.63 -13.06 7.65
CA ARG A 116 3.45 -13.29 8.54
CA ARG A 116 3.42 -13.13 8.45
C ARG A 116 2.58 -14.40 7.94
C ARG A 116 2.23 -13.71 7.69
N LYS A 117 2.52 -14.43 6.61
CA LYS A 117 1.55 -15.25 5.89
C LYS A 117 2.26 -16.45 5.26
N LEU B 9 5.12 -9.50 -34.03
CA LEU B 9 4.79 -9.03 -32.64
C LEU B 9 3.46 -8.29 -32.74
N ASN B 10 2.43 -8.81 -32.05
CA ASN B 10 1.07 -8.25 -32.13
C ASN B 10 0.91 -7.01 -31.25
N SER B 11 -0.30 -6.45 -31.17
CA SER B 11 -0.56 -5.25 -30.30
C SER B 11 -0.40 -5.48 -28.81
N ASP B 12 -0.96 -6.58 -28.30
CA ASP B 12 -0.87 -6.90 -26.87
C ASP B 12 0.63 -6.95 -26.49
N LEU B 13 1.43 -7.54 -27.36
CA LEU B 13 2.85 -7.74 -27.08
C LEU B 13 3.67 -6.45 -27.17
N ARG B 14 3.41 -5.64 -28.22
CA ARG B 14 4.07 -4.35 -28.36
C ARG B 14 3.85 -3.57 -27.07
N VAL B 15 2.65 -3.68 -26.50
CA VAL B 15 2.29 -3.03 -25.23
C VAL B 15 2.94 -3.63 -23.95
N PHE B 16 3.03 -4.95 -23.92
CA PHE B 16 3.79 -5.65 -22.88
C PHE B 16 5.26 -5.16 -22.81
N MSE B 17 5.90 -5.04 -23.97
CA MSE B 17 7.30 -4.64 -24.07
C MSE B 17 7.49 -3.27 -23.46
O MSE B 17 8.47 -3.02 -22.74
CB MSE B 17 7.77 -4.65 -25.52
CG MSE B 17 7.96 -6.04 -26.15
SE MSE B 17 8.98 -7.32 -24.98
CE MSE B 17 10.64 -6.32 -24.71
N HIS B 18 6.54 -2.38 -23.75
CA HIS B 18 6.49 -1.08 -23.14
C HIS B 18 6.47 -1.15 -21.61
N HIS B 19 5.67 -2.06 -21.04
CA HIS B 19 5.64 -2.27 -19.60
C HIS B 19 7.00 -2.71 -19.07
N ILE B 20 7.67 -3.61 -19.80
CA ILE B 20 9.02 -4.03 -19.41
C ILE B 20 9.96 -2.82 -19.27
N TYR B 21 10.00 -1.95 -20.28
CA TYR B 21 10.84 -0.74 -20.24
C TYR B 21 10.58 0.13 -18.99
N GLU B 22 9.31 0.30 -18.66
CA GLU B 22 8.93 1.03 -17.46
C GLU B 22 9.32 0.34 -16.16
N PHE B 23 9.22 -0.98 -16.09
CA PHE B 23 9.64 -1.66 -14.88
C PHE B 23 11.15 -1.49 -14.65
N GLU B 24 11.92 -1.53 -15.73
CA GLU B 24 13.38 -1.47 -15.67
C GLU B 24 13.86 -0.13 -15.13
N LYS B 25 13.17 0.93 -15.51
CA LYS B 25 13.48 2.29 -15.08
C LYS B 25 12.95 2.56 -13.67
N GLY B 26 12.21 1.59 -13.13
CA GLY B 26 11.72 1.59 -11.75
C GLY B 26 10.50 2.44 -11.50
N VAL B 27 9.62 2.55 -12.48
CA VAL B 27 8.34 3.30 -12.34
C VAL B 27 7.45 2.68 -11.24
N ARG B 28 7.52 1.35 -11.12
CA ARG B 28 6.65 0.60 -10.23
C ARG B 28 7.30 -0.72 -9.85
N SER B 29 6.71 -1.38 -8.86
CA SER B 29 7.30 -2.60 -8.29
C SER B 29 6.65 -3.86 -8.84
N MSE B 30 5.54 -3.69 -9.54
CA MSE B 30 4.81 -4.79 -10.18
C MSE B 30 3.96 -4.29 -11.32
O MSE B 30 3.44 -3.17 -11.27
CB MSE B 30 3.94 -5.55 -9.18
CG MSE B 30 3.10 -6.70 -9.77
SE MSE B 30 2.24 -7.67 -8.35
CE MSE B 30 0.47 -6.88 -8.59
N VAL B 31 3.82 -5.14 -12.34
CA VAL B 31 3.00 -4.91 -13.50
C VAL B 31 2.08 -6.12 -13.72
N LEU B 32 0.85 -5.87 -14.16
CA LEU B 32 -0.02 -6.94 -14.62
C LEU B 32 -0.27 -6.80 -16.11
N ALA B 33 0.07 -7.83 -16.88
CA ALA B 33 -0.26 -7.87 -18.31
C ALA B 33 -1.16 -9.04 -18.61
N THR B 34 -2.21 -8.80 -19.37
CA THR B 34 -3.09 -9.87 -19.80
C THR B 34 -2.75 -10.19 -21.22
N LEU B 35 -2.37 -11.45 -21.48
CA LEU B 35 -2.02 -11.88 -22.83
C LEU B 35 -2.72 -13.16 -23.22
N ALA B 36 -2.78 -13.39 -24.54
CA ALA B 36 -3.20 -14.64 -25.12
C ALA B 36 -2.25 -15.74 -24.67
N ASN B 37 -2.81 -16.91 -24.36
CA ASN B 37 -2.01 -18.05 -23.92
C ASN B 37 -0.86 -18.30 -24.84
N ASP B 38 -1.12 -18.15 -26.14
CA ASP B 38 -0.12 -18.39 -27.16
C ASP B 38 1.07 -17.42 -27.13
N ASP B 39 0.87 -16.23 -26.56
CA ASP B 39 1.91 -15.19 -26.46
C ASP B 39 2.74 -15.25 -25.15
N ILE B 40 2.30 -16.09 -24.22
CA ILE B 40 2.96 -16.22 -22.91
C ILE B 40 4.43 -16.77 -22.96
N PRO B 41 4.68 -17.90 -23.65
CA PRO B 41 6.09 -18.31 -23.82
C PRO B 41 7.07 -17.18 -24.21
N TYR B 42 6.73 -16.44 -25.27
CA TYR B 42 7.51 -15.30 -25.69
C TYR B 42 7.63 -14.22 -24.63
N ALA B 43 6.51 -13.82 -24.03
CA ALA B 43 6.56 -12.81 -22.96
C ALA B 43 7.51 -13.24 -21.82
N GLU B 44 7.37 -14.50 -21.39
CA GLU B 44 8.21 -15.02 -20.33
C GLU B 44 9.69 -15.10 -20.72
N GLU B 45 9.98 -15.46 -21.96
CA GLU B 45 11.36 -15.40 -22.42
C GLU B 45 11.98 -13.99 -22.31
N ARG B 46 11.24 -12.96 -22.69
CA ARG B 46 11.70 -11.59 -22.60
C ARG B 46 11.98 -11.17 -21.15
N LEU B 47 11.15 -11.65 -20.23
CA LEU B 47 11.34 -11.38 -18.79
C LEU B 47 12.59 -12.10 -18.24
N ARG B 48 12.74 -13.36 -18.61
CA ARG B 48 13.92 -14.16 -18.24
C ARG B 48 15.24 -13.59 -18.77
N SER B 49 15.26 -13.08 -20.00
CA SER B 49 16.48 -12.44 -20.54
C SER B 49 16.96 -11.30 -19.63
N ARG B 50 16.02 -10.66 -18.93
CA ARG B 50 16.28 -9.49 -18.10
C ARG B 50 16.31 -9.85 -16.61
N GLN B 51 16.11 -11.13 -16.31
CA GLN B 51 16.02 -11.61 -14.93
C GLN B 51 14.91 -10.95 -14.13
N ILE B 52 13.80 -10.64 -14.78
CA ILE B 52 12.68 -10.00 -14.09
C ILE B 52 11.79 -11.10 -13.58
N PRO B 53 11.59 -11.14 -12.26
CA PRO B 53 10.70 -12.14 -11.66
C PRO B 53 9.31 -12.05 -12.27
N TYR B 54 8.62 -13.18 -12.40
CA TYR B 54 7.26 -13.22 -12.87
C TYR B 54 6.46 -14.38 -12.32
N PHE B 55 5.13 -14.23 -12.42
CA PHE B 55 4.13 -15.23 -12.03
C PHE B 55 3.00 -15.15 -13.06
N ALA B 56 2.74 -16.26 -13.77
CA ALA B 56 1.63 -16.36 -14.72
C ALA B 56 0.44 -17.02 -14.06
N GLN B 57 -0.76 -16.50 -14.34
CA GLN B 57 -2.01 -17.03 -13.80
C GLN B 57 -3.01 -17.21 -14.98
N PRO B 58 -3.11 -18.44 -15.51
CA PRO B 58 -4.12 -18.66 -16.57
C PRO B 58 -5.54 -18.35 -16.07
N THR B 59 -6.36 -17.80 -16.95
CA THR B 59 -7.74 -17.48 -16.59
C THR B 59 -8.59 -18.65 -17.08
N PRO B 60 -9.19 -19.41 -16.14
CA PRO B 60 -9.91 -20.67 -16.42
C PRO B 60 -10.74 -20.67 -17.71
N ASN B 61 -11.69 -19.74 -17.82
CA ASN B 61 -12.66 -19.81 -18.93
C ASN B 61 -12.31 -19.00 -20.19
N THR B 62 -11.02 -18.74 -20.40
CA THR B 62 -10.53 -18.04 -21.61
C THR B 62 -9.28 -18.72 -22.20
N GLU B 63 -8.75 -18.16 -23.29
CA GLU B 63 -7.40 -18.50 -23.73
C GLU B 63 -6.49 -17.33 -23.42
N ARG B 64 -6.67 -16.75 -22.24
CA ARG B 64 -5.87 -15.61 -21.80
C ARG B 64 -5.24 -15.88 -20.44
N THR B 65 -4.10 -15.25 -20.19
CA THR B 65 -3.32 -15.47 -18.97
C THR B 65 -2.93 -14.11 -18.40
N ASN B 66 -3.09 -13.96 -17.09
CA ASN B 66 -2.58 -12.82 -16.34
C ASN B 66 -1.11 -13.06 -16.04
N LEU B 67 -0.25 -12.21 -16.58
CA LEU B 67 1.17 -12.34 -16.32
C LEU B 67 1.58 -11.21 -15.41
N PHE B 68 1.88 -11.55 -14.17
CA PHE B 68 2.43 -10.59 -13.25
C PHE B 68 3.94 -10.59 -13.35
N PHE B 69 4.52 -9.41 -13.27
CA PHE B 69 5.95 -9.33 -13.09
C PHE B 69 6.36 -8.16 -12.21
N GLY B 70 7.51 -8.29 -11.57
CA GLY B 70 7.97 -7.26 -10.66
C GLY B 70 8.92 -7.86 -9.66
N CYS B 71 9.15 -7.15 -8.56
CA CYS B 71 10.15 -7.60 -7.60
C CYS B 71 9.76 -8.99 -7.07
N LYS B 72 10.76 -9.80 -6.75
CA LYS B 72 10.55 -11.16 -6.27
C LYS B 72 9.64 -11.23 -5.04
N GLU B 73 9.84 -10.31 -4.10
CA GLU B 73 9.06 -10.27 -2.87
C GLU B 73 7.55 -10.17 -3.17
N CYS B 74 7.17 -9.34 -4.14
CA CYS B 74 5.76 -9.22 -4.49
C CYS B 74 5.22 -10.35 -5.34
N MSE B 75 6.10 -11.01 -6.10
CA MSE B 75 5.74 -12.29 -6.75
C MSE B 75 5.38 -13.35 -5.71
O MSE B 75 4.35 -14.05 -5.85
CB MSE B 75 6.88 -12.79 -7.66
CG MSE B 75 7.11 -11.89 -8.88
SE MSE B 75 5.53 -11.37 -9.87
CE MSE B 75 5.26 -9.56 -9.18
N GLU B 76 6.20 -13.46 -4.66
N GLU B 76 6.20 -13.47 -4.67
CA GLU B 76 5.97 -14.40 -3.57
CA GLU B 76 5.95 -14.41 -3.59
C GLU B 76 4.68 -14.06 -2.80
C GLU B 76 4.59 -14.04 -2.95
N ALA B 77 4.41 -12.76 -2.64
CA ALA B 77 3.17 -12.29 -2.02
C ALA B 77 1.91 -12.54 -2.83
N ILE B 78 1.89 -12.21 -4.11
N ILE B 78 1.94 -12.23 -4.12
CA ILE B 78 0.65 -12.43 -4.88
CA ILE B 78 0.79 -12.42 -5.01
C ILE B 78 0.28 -13.93 -5.01
C ILE B 78 0.51 -13.89 -5.40
N ARG B 79 1.25 -14.81 -4.76
CA ARG B 79 1.01 -16.25 -4.87
C ARG B 79 0.20 -16.72 -3.65
N LEU B 80 0.41 -16.05 -2.52
CA LEU B 80 -0.23 -16.44 -1.27
C LEU B 80 -1.71 -16.06 -1.17
N PHE B 81 -2.20 -15.23 -2.10
CA PHE B 81 -3.62 -14.87 -2.06
C PHE B 81 -4.32 -14.74 -3.42
N VAL B 82 -3.56 -14.64 -4.50
CA VAL B 82 -4.15 -14.62 -5.85
C VAL B 82 -4.21 -16.01 -6.51
N SER B 83 -3.38 -16.94 -6.04
CA SER B 83 -3.35 -18.29 -6.60
C SER B 83 -4.73 -18.95 -6.64
N GLY B 84 -5.18 -19.28 -7.85
CA GLY B 84 -6.43 -20.02 -8.06
C GLY B 84 -7.71 -19.26 -7.75
N ARG B 85 -7.61 -17.95 -7.66
CA ARG B 85 -8.77 -17.06 -7.41
C ARG B 85 -8.96 -16.07 -8.56
N SER B 86 -10.18 -15.55 -8.68
CA SER B 86 -10.47 -14.46 -9.61
C SER B 86 -10.08 -13.12 -8.99
N LEU B 87 -9.55 -12.22 -9.82
CA LEU B 87 -9.13 -10.88 -9.36
C LEU B 87 -10.33 -10.00 -8.98
N ASN B 88 -11.48 -10.29 -9.55
CA ASN B 88 -12.70 -9.55 -9.20
C ASN B 88 -13.40 -10.09 -7.95
N SER B 89 -12.82 -11.13 -7.34
CA SER B 89 -13.33 -11.70 -6.09
C SER B 89 -12.45 -11.33 -4.88
N LEU B 90 -11.59 -10.34 -5.05
CA LEU B 90 -10.70 -9.91 -3.96
C LEU B 90 -11.45 -9.02 -2.97
N THR B 91 -11.10 -9.13 -1.69
CA THR B 91 -11.65 -8.26 -0.66
C THR B 91 -11.17 -6.84 -0.89
N PRO B 92 -11.83 -5.84 -0.26
CA PRO B 92 -11.39 -4.45 -0.42
C PRO B 92 -9.95 -4.26 0.07
N GLU B 93 -9.55 -5.00 1.10
CA GLU B 93 -8.15 -5.03 1.58
C GLU B 93 -7.19 -5.60 0.53
N GLU B 94 -7.57 -6.72 -0.08
CA GLU B 94 -6.71 -7.38 -1.04
C GLU B 94 -6.53 -6.50 -2.28
N ASP B 95 -7.61 -5.80 -2.63
CA ASP B 95 -7.60 -4.86 -3.74
C ASP B 95 -6.69 -3.65 -3.50
N PHE B 96 -6.78 -3.04 -2.32
CA PHE B 96 -5.84 -2.01 -1.86
C PHE B 96 -4.40 -2.47 -2.03
N ILE B 97 -4.08 -3.65 -1.52
N ILE B 97 -4.11 -3.65 -1.49
CA ILE B 97 -2.69 -4.08 -1.60
CA ILE B 97 -2.78 -4.24 -1.56
C ILE B 97 -2.26 -4.40 -3.04
C ILE B 97 -2.35 -4.31 -3.03
N ILE B 98 -3.18 -4.93 -3.86
CA ILE B 98 -2.88 -5.10 -5.32
C ILE B 98 -2.56 -3.77 -6.00
N GLY B 99 -3.45 -2.79 -5.87
CA GLY B 99 -3.20 -1.44 -6.35
C GLY B 99 -1.90 -0.80 -5.86
N ALA B 100 -1.61 -0.95 -4.57
CA ALA B 100 -0.37 -0.42 -4.03
C ALA B 100 0.86 -1.08 -4.69
N MSE B 101 0.82 -2.39 -4.90
CA MSE B 101 1.93 -3.13 -5.54
C MSE B 101 2.15 -2.65 -6.98
O MSE B 101 3.28 -2.56 -7.44
CB MSE B 101 1.66 -4.65 -5.57
CG MSE B 101 1.80 -5.39 -4.24
SE MSE B 101 1.31 -7.25 -4.54
CE MSE B 101 1.27 -7.85 -2.70
N LEU B 102 1.05 -2.33 -7.65
CA LEU B 102 0.98 -1.78 -9.00
C LEU B 102 1.44 -0.33 -9.11
N GLY B 103 1.73 0.32 -7.98
CA GLY B 103 2.24 1.67 -8.01
C GLY B 103 1.22 2.76 -7.86
N TYR B 104 -0.04 2.43 -7.57
CA TYR B 104 -1.05 3.47 -7.44
C TYR B 104 -0.81 4.38 -6.24
N ASP B 105 -1.25 5.62 -6.41
CA ASP B 105 -1.15 6.59 -5.38
C ASP B 105 -1.95 6.04 -4.15
N ILE B 106 -1.36 6.18 -2.98
CA ILE B 106 -1.85 5.60 -1.72
C ILE B 106 -3.13 6.33 -1.24
N CYS B 107 -3.18 7.65 -1.34
CA CYS B 107 -4.40 8.38 -0.96
C CYS B 107 -5.56 7.96 -1.86
N ARG B 108 -5.28 7.88 -3.17
CA ARG B 108 -6.19 7.27 -4.12
C ARG B 108 -6.70 5.89 -3.64
N GLN B 109 -5.78 5.05 -3.16
CA GLN B 109 -6.11 3.69 -2.73
C GLN B 109 -6.93 3.74 -1.45
N CYS B 110 -6.60 4.69 -0.59
CA CYS B 110 -7.38 4.93 0.63
C CYS B 110 -8.78 5.35 0.22
N GLU B 111 -8.90 6.17 -0.83
CA GLU B 111 -10.24 6.58 -1.27
C GLU B 111 -11.08 5.42 -1.82
N ARG B 112 -10.49 4.54 -2.62
N ARG B 112 -10.46 4.57 -2.65
CA ARG B 112 -11.28 3.45 -3.18
CA ARG B 112 -11.11 3.39 -3.22
C ARG B 112 -11.55 2.33 -2.16
C ARG B 112 -11.54 2.39 -2.14
N TYR B 113 -10.70 2.24 -1.14
CA TYR B 113 -10.96 1.32 -0.03
C TYR B 113 -12.21 1.78 0.73
N CYS B 114 -12.25 3.06 1.11
CA CYS B 114 -13.41 3.64 1.76
C CYS B 114 -14.65 3.51 0.91
N ARG B 115 -14.48 3.70 -0.39
CA ARG B 115 -15.58 3.57 -1.32
C ARG B 115 -16.10 2.12 -1.35
N ARG B 116 -15.19 1.14 -1.35
CA ARG B 116 -15.60 -0.26 -1.26
C ARG B 116 -16.33 -0.53 0.07
N LYS B 117 -15.81 0.01 1.15
CA LYS B 117 -16.40 -0.16 2.46
C LYS B 117 -17.73 0.59 2.61
N SER B 118 -17.88 1.73 1.93
CA SER B 118 -19.09 2.54 1.93
C SER B 118 -20.08 2.13 0.84
N ASN B 119 -19.59 1.95 -0.38
CA ASN B 119 -20.48 1.71 -1.54
C ASN B 119 -21.20 0.38 -1.43
N SER B 120 -20.78 -0.41 -0.44
CA SER B 120 -21.51 -1.58 0.01
C SER B 120 -21.99 -1.37 1.45
#